data_4OKB
#
_entry.id   4OKB
#
_cell.length_a   56.243
_cell.length_b   66.554
_cell.length_c   69.988
_cell.angle_alpha   90.00
_cell.angle_beta   90.00
_cell.angle_gamma   90.00
#
_symmetry.space_group_name_H-M   'P 21 21 21'
#
loop_
_entity.id
_entity.type
_entity.pdbx_description
1 polymer 'Androgen receptor'
2 polymer 'Protein BUD31 homolog'
3 non-polymer 'SULFATE ION'
4 non-polymer R-BICALUTAMIDE
5 water water
#
loop_
_entity_poly.entity_id
_entity_poly.type
_entity_poly.pdbx_seq_one_letter_code
_entity_poly.pdbx_strand_id
1 'polypeptide(L)'
;QPIFLNVLEAIEPGVVCAGHDNNQPDSFAALLSSLNELGERQLVHVVKWAKALPGFRNLHVDDQMAVIQYSLMGLMVFAM
GWRSFTNVNSAMLYFAPDLVFNEYRMHKSRMYSQCVRMRHLSQEFGWLQITPQEFLCMKALLLFSIIPVDGLKNQKFFDE
LRMNYIKELDRIIACKRKNPTSCSRRFYQLTKLLDSVQPIARELHQFTFDLLIKSHMVSVDFPEMMAEIISVQVPKILSG
KVKPIYFHTQ
;
A
2 'polypeptide(L)' KTRYIFDLFYKRKAY B
#
loop_
_chem_comp.id
_chem_comp.type
_chem_comp.name
_chem_comp.formula
198 non-polymer R-BICALUTAMIDE 'C18 H14 F4 N2 O4 S'
SO4 non-polymer 'SULFATE ION' 'O4 S -2'
#
# COMPACT_ATOMS: atom_id res chain seq x y z
N PRO A 2 -18.26 -10.54 -16.56
CA PRO A 2 -17.15 -10.32 -15.67
C PRO A 2 -16.67 -8.87 -15.78
N ILE A 3 -17.62 -7.94 -15.65
CA ILE A 3 -17.38 -6.55 -16.02
C ILE A 3 -16.48 -5.87 -15.00
N PHE A 4 -16.67 -6.20 -13.73
CA PHE A 4 -15.89 -5.59 -12.66
C PHE A 4 -14.45 -6.05 -12.77
N LEU A 5 -14.26 -7.35 -12.91
CA LEU A 5 -12.93 -7.93 -13.00
C LEU A 5 -12.15 -7.45 -14.21
N ASN A 6 -12.86 -7.13 -15.29
CA ASN A 6 -12.21 -6.62 -16.49
C ASN A 6 -11.53 -5.33 -16.17
N VAL A 7 -12.25 -4.49 -15.43
CA VAL A 7 -11.81 -3.13 -15.09
C VAL A 7 -10.57 -3.15 -14.21
N LEU A 8 -10.63 -3.91 -13.14
CA LEU A 8 -9.47 -4.04 -12.29
C LEU A 8 -8.19 -4.35 -13.08
N GLU A 9 -8.28 -5.33 -14.00
CA GLU A 9 -7.10 -5.79 -14.74
C GLU A 9 -6.69 -4.76 -15.78
N ALA A 10 -7.68 -4.13 -16.36
CA ALA A 10 -7.46 -3.04 -17.29
C ALA A 10 -6.68 -1.88 -16.66
N ILE A 11 -6.99 -1.56 -15.39
CA ILE A 11 -6.38 -0.39 -14.77
C ILE A 11 -5.17 -0.69 -13.90
N GLU A 12 -4.81 -1.97 -13.83
CA GLU A 12 -3.64 -2.37 -13.06
C GLU A 12 -2.34 -1.69 -13.55
N PRO A 13 -1.69 -0.93 -12.67
CA PRO A 13 -0.39 -0.34 -12.95
C PRO A 13 0.64 -1.30 -13.51
N GLY A 14 1.58 -0.79 -14.28
CA GLY A 14 2.70 -1.60 -14.71
C GLY A 14 3.91 -1.38 -13.85
N VAL A 15 5.05 -1.86 -14.34
CA VAL A 15 6.36 -1.76 -13.66
C VAL A 15 6.69 -0.32 -13.27
N VAL A 16 7.13 -0.12 -12.04
CA VAL A 16 7.63 1.18 -11.62
C VAL A 16 9.03 0.96 -11.05
N CYS A 17 9.99 1.72 -11.57
CA CYS A 17 11.34 1.64 -11.08
C CYS A 17 11.58 2.69 -10.02
N ALA A 18 12.56 2.39 -9.17
CA ALA A 18 12.94 3.25 -8.06
C ALA A 18 13.96 4.29 -8.43
N GLY A 19 14.61 4.10 -9.58
CA GLY A 19 15.67 4.99 -10.03
C GLY A 19 16.95 4.76 -9.26
N HIS A 20 17.13 3.54 -8.78
CA HIS A 20 18.21 3.25 -7.86
C HIS A 20 19.58 3.18 -8.58
N ASP A 21 20.62 3.71 -7.93
CA ASP A 21 21.99 3.48 -8.38
C ASP A 21 22.58 2.21 -7.73
N ASN A 22 22.51 1.11 -8.46
CA ASN A 22 22.99 -0.21 -8.01
C ASN A 22 24.50 -0.42 -8.23
N ASN A 23 25.26 0.66 -8.35
CA ASN A 23 26.72 0.57 -8.33
C ASN A 23 27.18 1.13 -7.03
N GLN A 24 26.26 1.79 -6.35
CA GLN A 24 26.55 2.35 -5.05
C GLN A 24 26.59 1.15 -4.10
N PRO A 25 27.64 1.07 -3.26
CA PRO A 25 27.54 0.22 -2.09
C PRO A 25 26.34 0.55 -1.17
N ASP A 26 25.74 -0.50 -0.62
CA ASP A 26 24.42 -0.45 -0.02
C ASP A 26 24.32 0.31 1.28
N SER A 27 24.39 1.63 1.21
CA SER A 27 24.27 2.43 2.43
C SER A 27 22.81 2.58 2.84
N PHE A 28 22.54 2.54 4.14
CA PHE A 28 21.23 2.95 4.65
C PHE A 28 20.58 4.15 3.89
N ALA A 29 21.26 5.29 3.89
CA ALA A 29 20.76 6.50 3.22
C ALA A 29 20.44 6.33 1.74
N ALA A 30 21.28 5.61 1.01
CA ALA A 30 21.03 5.41 -0.41
C ALA A 30 19.78 4.57 -0.57
N LEU A 31 19.69 3.50 0.20
CA LEU A 31 18.52 2.65 0.12
C LEU A 31 17.26 3.43 0.41
N LEU A 32 17.25 4.20 1.50
CA LEU A 32 16.02 4.86 1.87
C LEU A 32 15.70 6.08 1.07
N SER A 33 16.72 6.77 0.57
CA SER A 33 16.46 7.82 -0.39
C SER A 33 15.82 7.19 -1.66
N SER A 34 16.11 5.93 -1.94
CA SER A 34 15.51 5.24 -3.10
C SER A 34 14.12 4.71 -2.81
N LEU A 35 13.90 4.19 -1.61
CA LEU A 35 12.56 3.77 -1.20
C LEU A 35 11.55 4.92 -1.22
N ASN A 36 11.99 6.11 -0.80
CA ASN A 36 11.14 7.31 -0.77
C ASN A 36 10.74 7.77 -2.13
N GLU A 37 11.68 7.72 -3.08
CA GLU A 37 11.42 8.12 -4.47
C GLU A 37 10.43 7.14 -5.11
N LEU A 38 10.65 5.87 -4.83
CA LEU A 38 9.74 4.85 -5.24
C LEU A 38 8.35 5.08 -4.64
N GLY A 39 8.31 5.64 -3.43
CA GLY A 39 7.07 5.89 -2.72
C GLY A 39 6.24 6.81 -3.59
N GLU A 40 6.86 7.93 -3.92
CA GLU A 40 6.22 8.96 -4.73
C GLU A 40 5.81 8.43 -6.11
N ARG A 41 6.70 7.71 -6.77
CA ARG A 41 6.38 7.12 -8.07
C ARG A 41 5.16 6.25 -7.95
N GLN A 42 5.17 5.37 -6.95
CA GLN A 42 4.04 4.46 -6.75
C GLN A 42 2.79 5.23 -6.38
N LEU A 43 2.89 6.25 -5.53
CA LEU A 43 1.75 7.12 -5.23
C LEU A 43 1.02 7.65 -6.49
N VAL A 44 1.80 8.26 -7.39
CA VAL A 44 1.32 8.78 -8.67
C VAL A 44 0.52 7.72 -9.40
N HIS A 45 1.10 6.53 -9.54
CA HIS A 45 0.37 5.43 -10.16
C HIS A 45 -0.89 5.04 -9.34
N VAL A 46 -0.84 5.12 -8.02
CA VAL A 46 -2.04 4.83 -7.24
C VAL A 46 -3.15 5.87 -7.46
N VAL A 47 -2.79 7.15 -7.60
CA VAL A 47 -3.76 8.19 -7.90
C VAL A 47 -4.47 7.91 -9.23
N LYS A 48 -3.69 7.57 -10.24
CA LYS A 48 -4.28 7.31 -11.53
C LYS A 48 -5.26 6.14 -11.48
N TRP A 49 -4.88 5.13 -10.71
CA TRP A 49 -5.62 3.87 -10.60
C TRP A 49 -6.94 4.05 -9.87
N ALA A 50 -6.86 4.62 -8.70
CA ALA A 50 -8.01 4.89 -7.88
C ALA A 50 -9.06 5.70 -8.62
N LYS A 51 -8.63 6.68 -9.41
CA LYS A 51 -9.62 7.47 -10.17
C LYS A 51 -10.44 6.64 -11.18
N ALA A 52 -9.76 5.79 -11.96
CA ALA A 52 -10.46 4.89 -12.88
C ALA A 52 -11.08 3.68 -12.16
N LEU A 53 -11.35 3.84 -10.88
CA LEU A 53 -11.87 2.75 -10.09
C LEU A 53 -13.40 2.87 -10.00
N PRO A 54 -14.13 1.77 -10.27
CA PRO A 54 -15.60 1.78 -10.28
C PRO A 54 -16.18 2.42 -9.03
N GLY A 55 -16.92 3.51 -9.22
CA GLY A 55 -17.58 4.22 -8.11
C GLY A 55 -16.69 5.19 -7.35
N PHE A 56 -15.37 5.11 -7.54
CA PHE A 56 -14.45 5.89 -6.71
C PHE A 56 -14.82 7.38 -6.76
N ARG A 57 -15.19 7.82 -7.96
CA ARG A 57 -15.57 9.19 -8.24
C ARG A 57 -16.83 9.69 -7.50
N ASN A 58 -17.67 8.78 -7.00
CA ASN A 58 -18.82 9.18 -6.19
C ASN A 58 -18.36 9.85 -4.88
N LEU A 59 -17.28 9.36 -4.30
CA LEU A 59 -16.74 9.94 -3.05
C LEU A 59 -16.52 11.44 -3.18
N HIS A 60 -16.87 12.14 -2.12
CA HIS A 60 -16.52 13.54 -2.08
C HIS A 60 -15.00 13.58 -2.34
N VAL A 61 -14.55 14.67 -2.93
CA VAL A 61 -13.18 14.80 -3.35
C VAL A 61 -12.20 14.72 -2.17
N ASP A 62 -12.60 15.18 -1.00
CA ASP A 62 -11.62 15.26 0.09
C ASP A 62 -11.44 13.87 0.67
N ASP A 63 -12.45 13.04 0.47
CA ASP A 63 -12.45 11.65 0.91
C ASP A 63 -11.57 10.82 0.00
N GLN A 64 -11.70 11.04 -1.31
CA GLN A 64 -10.75 10.50 -2.26
C GLN A 64 -9.31 10.76 -1.85
N MET A 65 -8.97 11.98 -1.49
CA MET A 65 -7.56 12.30 -1.23
C MET A 65 -7.13 11.72 0.06
N ALA A 66 -8.02 11.81 1.05
CA ALA A 66 -7.82 11.25 2.38
C ALA A 66 -7.54 9.77 2.25
N VAL A 67 -8.49 9.11 1.60
CA VAL A 67 -8.55 7.67 1.57
C VAL A 67 -7.31 7.10 0.92
N ILE A 68 -6.76 7.81 -0.06
CA ILE A 68 -5.57 7.35 -0.76
C ILE A 68 -4.34 7.53 0.09
N GLN A 69 -4.29 8.60 0.87
CA GLN A 69 -3.11 8.86 1.65
C GLN A 69 -2.99 7.85 2.82
N TYR A 70 -4.13 7.50 3.37
CA TYR A 70 -4.17 6.56 4.45
C TYR A 70 -3.77 5.19 3.98
N SER A 71 -4.42 4.72 2.90
CA SER A 71 -4.16 3.38 2.35
C SER A 71 -2.81 3.21 1.66
N LEU A 72 -2.18 4.31 1.26
CA LEU A 72 -1.01 4.20 0.41
C LEU A 72 -0.06 3.10 0.82
N MET A 73 0.39 3.11 2.07
CA MET A 73 1.38 2.12 2.54
C MET A 73 0.88 0.70 2.30
N GLY A 74 -0.32 0.42 2.81
CA GLY A 74 -0.94 -0.91 2.72
C GLY A 74 -1.04 -1.42 1.29
N LEU A 75 -1.39 -0.50 0.37
CA LEU A 75 -1.46 -0.86 -1.05
C LEU A 75 -0.11 -1.22 -1.56
N MET A 76 0.86 -0.35 -1.25
CA MET A 76 2.24 -0.59 -1.68
C MET A 76 2.76 -1.94 -1.15
N VAL A 77 2.42 -2.20 0.09
CA VAL A 77 2.86 -3.39 0.77
C VAL A 77 2.25 -4.62 0.15
N PHE A 78 0.94 -4.58 -0.02
CA PHE A 78 0.20 -5.72 -0.53
C PHE A 78 0.69 -6.07 -1.96
N ALA A 79 0.71 -5.08 -2.85
CA ALA A 79 1.14 -5.30 -4.23
C ALA A 79 2.57 -5.81 -4.23
N MET A 80 3.43 -5.19 -3.42
CA MET A 80 4.82 -5.59 -3.36
C MET A 80 4.94 -7.08 -3.04
N GLY A 81 4.21 -7.55 -2.03
CA GLY A 81 4.17 -8.99 -1.71
C GLY A 81 3.76 -9.96 -2.84
N TRP A 82 2.91 -9.51 -3.75
CA TRP A 82 2.46 -10.33 -4.85
C TRP A 82 3.48 -10.30 -5.95
N ARG A 83 4.00 -9.10 -6.23
CA ARG A 83 5.10 -8.89 -7.15
C ARG A 83 6.23 -9.81 -6.77
N SER A 84 6.58 -9.77 -5.51
CA SER A 84 7.66 -10.58 -5.01
C SER A 84 7.38 -12.08 -5.18
N PHE A 85 6.13 -12.47 -5.03
CA PHE A 85 5.74 -13.87 -5.10
C PHE A 85 5.86 -14.38 -6.53
N THR A 86 5.17 -13.68 -7.42
CA THR A 86 5.16 -14.03 -8.85
C THR A 86 6.57 -13.97 -9.42
N ASN A 87 7.22 -12.82 -9.30
CA ASN A 87 8.51 -12.57 -9.92
C ASN A 87 9.62 -13.47 -9.38
N VAL A 88 9.77 -13.57 -8.07
CA VAL A 88 10.92 -14.29 -7.49
C VAL A 88 10.51 -15.36 -6.49
N ASN A 89 9.26 -15.79 -6.56
CA ASN A 89 8.77 -16.79 -5.64
C ASN A 89 9.09 -16.56 -4.12
N SER A 90 9.08 -15.29 -3.69
CA SER A 90 9.16 -14.93 -2.27
C SER A 90 10.57 -15.13 -1.68
N ALA A 91 11.56 -15.31 -2.56
CA ALA A 91 12.96 -15.48 -2.15
C ALA A 91 13.48 -14.15 -1.62
N MET A 92 13.16 -13.07 -2.35
CA MET A 92 13.52 -11.71 -1.96
C MET A 92 12.35 -10.74 -2.10
N LEU A 93 12.56 -9.49 -1.64
CA LEU A 93 11.55 -8.43 -1.74
C LEU A 93 11.73 -7.62 -2.99
N TYR A 94 10.74 -7.71 -3.88
CA TYR A 94 10.75 -7.08 -5.18
C TYR A 94 10.03 -5.71 -5.13
N PHE A 95 10.65 -4.78 -4.43
CA PHE A 95 10.10 -3.46 -4.36
C PHE A 95 9.92 -2.92 -5.78
N ALA A 96 10.97 -3.05 -6.60
CA ALA A 96 10.99 -2.61 -8.00
C ALA A 96 12.02 -3.45 -8.73
N PRO A 97 12.15 -3.25 -10.04
CA PRO A 97 13.12 -4.08 -10.76
C PRO A 97 14.53 -3.70 -10.39
N ASP A 98 14.77 -2.41 -10.27
CA ASP A 98 16.09 -1.89 -9.89
C ASP A 98 16.29 -1.86 -8.40
N LEU A 99 15.42 -2.54 -7.64
CA LEU A 99 15.44 -2.44 -6.16
C LEU A 99 14.85 -3.66 -5.45
N VAL A 100 15.66 -4.71 -5.43
CA VAL A 100 15.25 -5.95 -4.85
C VAL A 100 16.07 -6.17 -3.59
N PHE A 101 15.38 -6.45 -2.47
CA PHE A 101 16.05 -6.54 -1.18
C PHE A 101 16.35 -7.98 -0.91
N ASN A 102 17.63 -8.27 -0.74
CA ASN A 102 18.05 -9.54 -0.19
C ASN A 102 18.37 -9.35 1.31
N GLU A 103 18.56 -10.45 2.04
CA GLU A 103 18.74 -10.42 3.52
C GLU A 103 19.67 -9.30 4.00
N TYR A 104 20.78 -9.13 3.29
CA TYR A 104 21.76 -8.11 3.65
C TYR A 104 21.10 -6.74 3.51
N ARG A 105 20.47 -6.46 2.38
CA ARG A 105 19.75 -5.21 2.26
C ARG A 105 18.68 -5.02 3.34
N MET A 106 17.95 -6.09 3.65
CA MET A 106 16.97 -6.02 4.74
C MET A 106 17.64 -5.53 6.03
N HIS A 107 18.77 -6.16 6.41
CA HIS A 107 19.48 -5.70 7.59
C HIS A 107 19.94 -4.25 7.39
N LYS A 108 20.33 -3.87 6.18
CA LYS A 108 20.96 -2.54 5.92
C LYS A 108 20.03 -1.30 5.98
N SER A 109 18.82 -1.51 5.47
CA SER A 109 17.66 -0.60 5.61
C SER A 109 17.27 -0.26 7.04
N ARG A 110 17.64 -1.14 7.98
CA ARG A 110 17.26 -1.06 9.39
C ARG A 110 15.75 -1.37 9.61
N MET A 111 15.15 -2.11 8.68
CA MET A 111 13.75 -2.51 8.80
C MET A 111 13.68 -4.01 8.59
N TYR A 112 14.49 -4.75 9.34
CA TYR A 112 14.58 -6.19 9.14
C TYR A 112 13.32 -6.86 9.67
N SER A 113 12.84 -6.41 10.83
CA SER A 113 11.68 -7.07 11.39
C SER A 113 10.51 -6.90 10.41
N GLN A 114 10.25 -5.66 10.02
CA GLN A 114 9.20 -5.34 9.06
C GLN A 114 9.31 -6.15 7.76
N CYS A 115 10.54 -6.31 7.26
CA CYS A 115 10.76 -6.96 5.98
C CYS A 115 10.39 -8.44 6.05
N VAL A 116 10.88 -9.10 7.08
CA VAL A 116 10.53 -10.49 7.39
C VAL A 116 9.01 -10.72 7.44
N ARG A 117 8.29 -9.81 8.09
CA ARG A 117 6.83 -9.76 8.01
C ARG A 117 6.32 -9.76 6.57
N MET A 118 6.87 -8.87 5.75
CA MET A 118 6.46 -8.68 4.36
C MET A 118 6.82 -9.87 3.50
N ARG A 119 8.05 -10.39 3.69
CA ARG A 119 8.49 -11.62 3.02
C ARG A 119 7.49 -12.72 3.36
N HIS A 120 7.13 -12.85 4.63
CA HIS A 120 6.17 -13.85 5.07
C HIS A 120 4.80 -13.80 4.33
N LEU A 121 4.22 -12.60 4.30
CA LEU A 121 3.03 -12.34 3.51
C LEU A 121 3.18 -12.69 2.05
N SER A 122 4.40 -12.51 1.53
CA SER A 122 4.63 -12.77 0.11
C SER A 122 4.55 -14.24 -0.14
N GLN A 123 4.87 -15.00 0.89
CA GLN A 123 4.80 -16.46 0.81
C GLN A 123 3.35 -16.90 0.85
N GLU A 124 2.53 -16.14 1.58
CA GLU A 124 1.12 -16.44 1.72
C GLU A 124 0.39 -16.43 0.42
N PHE A 125 0.80 -15.64 -0.55
CA PHE A 125 0.11 -15.65 -1.84
C PHE A 125 0.22 -17.03 -2.44
N GLY A 126 1.33 -17.67 -2.12
CA GLY A 126 1.57 -19.06 -2.48
C GLY A 126 0.89 -20.06 -1.56
N TRP A 127 1.20 -20.04 -0.26
CA TRP A 127 0.54 -20.95 0.68
C TRP A 127 -0.99 -21.00 0.53
N LEU A 128 -1.60 -19.92 0.00
CA LEU A 128 -3.04 -19.87 -0.23
C LEU A 128 -3.48 -19.99 -1.70
N GLN A 129 -2.54 -20.19 -2.62
CA GLN A 129 -2.85 -20.23 -4.06
C GLN A 129 -3.74 -19.05 -4.44
N ILE A 130 -3.29 -17.84 -4.11
CA ILE A 130 -4.11 -16.66 -4.36
C ILE A 130 -4.20 -16.41 -5.86
N THR A 131 -5.40 -16.54 -6.41
CA THR A 131 -5.58 -16.26 -7.83
C THR A 131 -5.26 -14.80 -8.07
N PRO A 132 -4.86 -14.46 -9.31
CA PRO A 132 -4.62 -13.06 -9.67
C PRO A 132 -5.91 -12.22 -9.63
N GLN A 133 -7.07 -12.87 -9.67
CA GLN A 133 -8.33 -12.16 -9.71
C GLN A 133 -8.74 -11.76 -8.27
N GLU A 134 -8.50 -12.68 -7.34
CA GLU A 134 -8.65 -12.44 -5.90
C GLU A 134 -7.72 -11.36 -5.38
N PHE A 135 -6.49 -11.37 -5.87
CA PHE A 135 -5.49 -10.36 -5.50
C PHE A 135 -5.91 -8.95 -5.93
N LEU A 136 -6.30 -8.83 -7.19
CA LEU A 136 -6.71 -7.56 -7.74
C LEU A 136 -7.83 -6.92 -6.96
N CYS A 137 -8.80 -7.77 -6.64
CA CYS A 137 -9.96 -7.38 -5.84
C CYS A 137 -9.68 -7.17 -4.35
N MET A 138 -8.79 -7.94 -3.77
CA MET A 138 -8.34 -7.66 -2.41
C MET A 138 -7.62 -6.32 -2.37
N LYS A 139 -6.84 -6.04 -3.40
CA LYS A 139 -6.09 -4.82 -3.41
C LYS A 139 -7.04 -3.61 -3.56
N ALA A 140 -8.12 -3.73 -4.31
CA ALA A 140 -9.11 -2.62 -4.39
C ALA A 140 -9.70 -2.35 -3.01
N LEU A 141 -10.09 -3.44 -2.35
CA LEU A 141 -10.72 -3.40 -1.04
C LEU A 141 -9.78 -2.82 -0.01
N LEU A 142 -8.49 -2.96 -0.25
CA LEU A 142 -7.50 -2.30 0.59
C LEU A 142 -7.61 -0.79 0.60
N LEU A 143 -7.93 -0.18 -0.54
CA LEU A 143 -8.15 1.28 -0.58
C LEU A 143 -9.34 1.73 0.29
N PHE A 144 -10.28 0.83 0.60
CA PHE A 144 -11.42 1.17 1.48
C PHE A 144 -11.29 0.56 2.88
N SER A 145 -10.06 0.43 3.36
CA SER A 145 -9.79 -0.35 4.57
C SER A 145 -9.20 0.44 5.71
N ILE A 146 -9.38 1.76 5.71
CA ILE A 146 -8.83 2.68 6.75
C ILE A 146 -9.39 4.09 6.66
N ILE A 147 -9.90 4.60 7.77
CA ILE A 147 -10.66 5.86 7.78
C ILE A 147 -10.57 6.65 9.10
N PRO A 148 -10.73 7.99 9.03
CA PRO A 148 -10.74 8.64 10.30
C PRO A 148 -11.96 8.14 11.05
N VAL A 149 -11.74 7.90 12.33
CA VAL A 149 -12.75 7.44 13.29
C VAL A 149 -14.02 8.29 13.27
N ASP A 150 -13.87 9.61 13.39
CA ASP A 150 -15.04 10.48 13.28
C ASP A 150 -15.45 10.69 11.82
N GLY A 151 -15.29 9.65 11.00
CA GLY A 151 -15.87 9.55 9.67
C GLY A 151 -15.37 10.51 8.60
N LEU A 152 -15.70 10.17 7.36
CA LEU A 152 -15.38 11.01 6.21
C LEU A 152 -16.52 12.00 5.99
N LYS A 153 -16.35 12.88 5.00
CA LYS A 153 -17.41 13.83 4.65
C LYS A 153 -18.72 13.18 4.19
N ASN A 154 -18.66 12.29 3.21
CA ASN A 154 -19.85 11.48 2.88
C ASN A 154 -19.52 10.05 3.22
N GLN A 155 -19.68 9.69 4.49
CA GLN A 155 -19.36 8.35 5.00
C GLN A 155 -20.26 7.25 4.41
N LYS A 156 -21.48 7.65 4.05
CA LYS A 156 -22.50 6.75 3.54
C LYS A 156 -22.17 6.32 2.13
N PHE A 157 -21.76 7.24 1.26
CA PHE A 157 -21.27 6.89 -0.10
C PHE A 157 -20.02 5.99 -0.02
N PHE A 158 -19.26 6.13 1.06
CA PHE A 158 -18.10 5.29 1.29
C PHE A 158 -18.48 3.89 1.68
N ASP A 159 -19.43 3.78 2.60
CA ASP A 159 -19.84 2.51 3.13
C ASP A 159 -20.50 1.68 2.04
N GLU A 160 -21.16 2.36 1.09
CA GLU A 160 -21.77 1.66 -0.05
C GLU A 160 -20.70 1.08 -0.94
N LEU A 161 -19.73 1.90 -1.26
CA LEU A 161 -18.66 1.49 -2.13
C LEU A 161 -17.94 0.31 -1.48
N ARG A 162 -17.64 0.43 -0.18
CA ARG A 162 -16.90 -0.62 0.49
C ARG A 162 -17.70 -1.92 0.51
N MET A 163 -18.99 -1.83 0.80
CA MET A 163 -19.81 -3.04 0.93
C MET A 163 -20.06 -3.66 -0.47
N ASN A 164 -19.97 -2.82 -1.49
CA ASN A 164 -19.99 -3.33 -2.84
C ASN A 164 -18.71 -3.98 -3.32
N TYR A 165 -17.55 -3.56 -2.83
CA TYR A 165 -16.28 -4.26 -3.15
C TYR A 165 -16.15 -5.64 -2.45
N ILE A 166 -16.86 -5.77 -1.35
CA ILE A 166 -16.97 -7.06 -0.67
C ILE A 166 -17.93 -7.99 -1.43
N LYS A 167 -19.02 -7.47 -1.99
CA LYS A 167 -19.87 -8.28 -2.86
C LYS A 167 -19.09 -8.83 -4.05
N GLU A 168 -18.23 -8.00 -4.60
CA GLU A 168 -17.43 -8.44 -5.73
C GLU A 168 -16.43 -9.54 -5.35
N LEU A 169 -15.79 -9.38 -4.20
CA LEU A 169 -14.90 -10.43 -3.72
C LEU A 169 -15.67 -11.73 -3.47
N ASP A 170 -16.88 -11.63 -2.92
CA ASP A 170 -17.77 -12.77 -2.76
C ASP A 170 -17.90 -13.54 -4.05
N ARG A 171 -18.10 -12.82 -5.15
CA ARG A 171 -18.29 -13.45 -6.45
C ARG A 171 -16.97 -14.02 -6.96
N ILE A 172 -15.86 -13.32 -6.72
CA ILE A 172 -14.55 -13.86 -7.09
C ILE A 172 -14.19 -15.13 -6.28
N ILE A 173 -14.90 -15.38 -5.18
CA ILE A 173 -14.68 -16.59 -4.35
C ILE A 173 -15.58 -17.75 -4.80
N ALA A 174 -16.82 -17.44 -5.19
CA ALA A 174 -17.70 -18.37 -5.90
C ALA A 174 -17.04 -18.91 -7.19
N CYS A 183 -15.71 -22.51 0.60
CA CYS A 183 -16.17 -21.29 -0.06
C CYS A 183 -16.55 -20.21 0.96
N SER A 184 -17.03 -20.67 2.10
CA SER A 184 -17.16 -19.81 3.25
C SER A 184 -15.80 -19.76 3.94
N ARG A 185 -14.99 -20.79 3.70
CA ARG A 185 -13.71 -20.98 4.37
C ARG A 185 -12.60 -20.12 3.72
N ARG A 186 -12.69 -19.94 2.41
CA ARG A 186 -11.81 -19.02 1.67
C ARG A 186 -11.88 -17.58 2.23
N PHE A 187 -13.11 -17.08 2.34
CA PHE A 187 -13.37 -15.77 2.88
C PHE A 187 -12.73 -15.62 4.25
N TYR A 188 -12.76 -16.66 5.07
CA TYR A 188 -12.10 -16.56 6.33
C TYR A 188 -10.68 -16.15 6.09
N GLN A 189 -10.00 -16.88 5.21
CA GLN A 189 -8.56 -16.73 5.08
C GLN A 189 -8.16 -15.47 4.39
N LEU A 190 -8.85 -15.13 3.31
CA LEU A 190 -8.54 -13.90 2.58
C LEU A 190 -8.76 -12.69 3.47
N THR A 191 -9.82 -12.68 4.28
CA THR A 191 -10.06 -11.55 5.14
C THR A 191 -8.98 -11.50 6.19
N LYS A 192 -8.51 -12.67 6.60
CA LYS A 192 -7.38 -12.74 7.56
C LYS A 192 -6.09 -12.20 6.94
N LEU A 193 -5.91 -12.47 5.66
CA LEU A 193 -4.75 -12.04 4.93
C LEU A 193 -4.71 -10.53 4.83
N LEU A 194 -5.86 -9.93 4.52
CA LEU A 194 -5.99 -8.44 4.41
C LEU A 194 -5.77 -7.71 5.74
N ASP A 195 -6.27 -8.29 6.83
CA ASP A 195 -5.91 -7.83 8.17
C ASP A 195 -4.39 -7.84 8.47
N SER A 196 -3.64 -8.78 7.88
CA SER A 196 -2.19 -8.89 8.18
C SER A 196 -1.44 -7.68 7.69
N VAL A 197 -1.97 -7.07 6.64
CA VAL A 197 -1.32 -5.93 6.02
C VAL A 197 -1.24 -4.73 6.97
N GLN A 198 -2.25 -4.57 7.81
CA GLN A 198 -2.39 -3.34 8.57
C GLN A 198 -1.32 -3.11 9.66
N PRO A 199 -1.04 -4.15 10.47
CA PRO A 199 0.08 -4.08 11.43
C PRO A 199 1.41 -3.66 10.77
N ILE A 200 1.65 -4.21 9.57
CA ILE A 200 2.85 -3.97 8.80
C ILE A 200 2.88 -2.53 8.28
N ALA A 201 1.70 -2.07 7.83
CA ALA A 201 1.58 -0.75 7.28
C ALA A 201 1.92 0.21 8.38
N ARG A 202 1.43 -0.11 9.58
CA ARG A 202 1.60 0.74 10.77
C ARG A 202 3.05 0.79 11.26
N GLU A 203 3.76 -0.34 11.18
CA GLU A 203 5.18 -0.39 11.54
C GLU A 203 6.00 0.38 10.52
N LEU A 204 5.56 0.30 9.28
CA LEU A 204 6.21 1.03 8.23
C LEU A 204 5.96 2.50 8.47
N HIS A 205 4.71 2.82 8.77
CA HIS A 205 4.35 4.18 9.02
C HIS A 205 5.14 4.76 10.14
N GLN A 206 5.34 3.99 11.20
CA GLN A 206 6.08 4.49 12.34
C GLN A 206 7.52 4.76 11.93
N PHE A 207 8.15 3.75 11.39
CA PHE A 207 9.52 3.87 10.95
C PHE A 207 9.77 5.12 10.05
N THR A 208 8.85 5.29 9.10
CA THR A 208 8.91 6.31 8.06
C THR A 208 8.86 7.66 8.70
N PHE A 209 7.87 7.83 9.58
CA PHE A 209 7.64 9.07 10.33
C PHE A 209 8.86 9.48 11.09
N ASP A 210 9.38 8.54 11.90
CA ASP A 210 10.59 8.76 12.69
C ASP A 210 11.72 9.20 11.76
N LEU A 211 11.92 8.45 10.68
CA LEU A 211 12.95 8.76 9.74
C LEU A 211 12.88 10.19 9.26
N LEU A 212 11.68 10.69 8.95
CA LEU A 212 11.53 12.08 8.49
C LEU A 212 12.10 13.05 9.51
N ILE A 213 11.87 12.79 10.79
CA ILE A 213 12.32 13.69 11.85
C ILE A 213 13.85 13.70 11.89
N LYS A 214 14.45 12.51 12.06
CA LYS A 214 15.90 12.38 12.10
C LYS A 214 16.60 12.44 10.71
N SER A 215 15.83 12.67 9.64
CA SER A 215 16.37 12.57 8.27
C SER A 215 17.52 13.55 7.96
N HIS A 216 17.43 14.80 8.38
CA HIS A 216 18.58 15.71 8.18
C HIS A 216 19.86 15.26 8.91
N MET A 217 19.76 14.41 9.92
CA MET A 217 20.93 13.98 10.68
C MET A 217 21.53 12.68 10.13
N VAL A 218 20.76 11.98 9.29
CA VAL A 218 21.19 10.71 8.68
C VAL A 218 21.31 10.78 7.13
N SER A 219 21.12 11.96 6.55
CA SER A 219 21.34 12.19 5.10
C SER A 219 20.35 11.48 4.15
N VAL A 220 19.14 11.18 4.64
CA VAL A 220 18.10 10.51 3.84
C VAL A 220 17.24 11.59 3.19
N ASP A 221 16.85 11.35 1.93
CA ASP A 221 16.23 12.38 1.09
C ASP A 221 14.76 12.07 0.79
N PHE A 222 13.88 13.01 1.19
CA PHE A 222 12.43 12.90 1.03
C PHE A 222 11.92 13.88 -0.01
N PRO A 223 11.27 13.36 -1.06
CA PRO A 223 10.55 14.20 -2.03
C PRO A 223 9.53 15.11 -1.34
N GLU A 224 9.51 16.39 -1.65
CA GLU A 224 8.57 17.31 -1.01
C GLU A 224 7.22 16.65 -0.69
N MET A 225 6.50 16.19 -1.69
CA MET A 225 5.17 15.66 -1.48
C MET A 225 5.05 14.57 -0.41
N MET A 226 6.07 13.73 -0.28
CA MET A 226 6.01 12.61 0.69
C MET A 226 6.24 13.14 2.11
N ALA A 227 7.21 14.04 2.28
CA ALA A 227 7.45 14.72 3.55
C ALA A 227 6.19 15.41 4.08
N GLU A 228 5.45 16.06 3.20
CA GLU A 228 4.22 16.73 3.62
C GLU A 228 3.22 15.71 4.09
N ILE A 229 3.00 14.68 3.29
CA ILE A 229 2.05 13.60 3.64
C ILE A 229 2.41 12.96 4.98
N ILE A 230 3.69 12.61 5.13
CA ILE A 230 4.18 12.05 6.37
C ILE A 230 3.95 12.97 7.58
N SER A 231 4.10 14.28 7.37
CA SER A 231 3.94 15.23 8.47
C SER A 231 2.47 15.57 8.74
N VAL A 232 1.59 15.33 7.78
CA VAL A 232 0.20 15.78 7.90
C VAL A 232 -0.82 14.65 8.07
N GLN A 233 -0.67 13.57 7.31
CA GLN A 233 -1.66 12.49 7.32
C GLN A 233 -1.25 11.34 8.24
N VAL A 234 0.00 10.90 8.09
CA VAL A 234 0.53 9.76 8.86
C VAL A 234 0.40 9.92 10.38
N PRO A 235 0.65 11.14 10.91
CA PRO A 235 0.44 11.37 12.35
C PRO A 235 -0.99 11.07 12.81
N LYS A 236 -1.96 11.27 11.94
CA LYS A 236 -3.33 11.01 12.32
C LYS A 236 -3.48 9.51 12.53
N ILE A 237 -2.92 8.73 11.60
CA ILE A 237 -2.92 7.28 11.77
C ILE A 237 -2.25 6.96 13.09
N LEU A 238 -1.07 7.54 13.29
CA LEU A 238 -0.28 7.18 14.44
C LEU A 238 -0.93 7.69 15.71
N SER A 239 -1.66 8.80 15.66
CA SER A 239 -2.33 9.30 16.86
C SER A 239 -3.67 8.60 17.14
N GLY A 240 -4.08 7.67 16.29
CA GLY A 240 -5.37 6.96 16.45
C GLY A 240 -6.60 7.72 15.93
N LYS A 241 -6.38 8.87 15.29
CA LYS A 241 -7.50 9.55 14.66
C LYS A 241 -8.02 8.71 13.47
N VAL A 242 -7.08 8.17 12.68
CA VAL A 242 -7.40 7.33 11.54
C VAL A 242 -7.04 5.90 11.89
N LYS A 243 -7.95 4.98 11.59
CA LYS A 243 -7.83 3.60 12.06
C LYS A 243 -8.25 2.62 10.98
N PRO A 244 -7.50 1.51 10.84
CA PRO A 244 -7.90 0.54 9.85
C PRO A 244 -9.20 -0.13 10.24
N ILE A 245 -9.99 -0.46 9.24
CA ILE A 245 -11.15 -1.28 9.42
C ILE A 245 -10.63 -2.72 9.45
N TYR A 246 -10.80 -3.41 10.57
CA TYR A 246 -10.38 -4.82 10.64
C TYR A 246 -11.59 -5.74 10.55
N PHE A 247 -11.46 -6.81 9.80
CA PHE A 247 -12.49 -7.82 9.78
C PHE A 247 -12.57 -8.51 11.13
N HIS A 248 -11.42 -8.99 11.59
CA HIS A 248 -11.36 -9.89 12.71
C HIS A 248 -10.94 -9.17 14.03
N THR A 249 -10.61 -9.92 15.09
CA THR A 249 -10.32 -9.41 16.46
C THR A 249 -11.14 -8.16 16.83
N TYR B 4 -1.98 22.18 -0.04
CA TYR B 4 -1.13 20.95 0.04
C TYR B 4 -0.65 20.57 -1.36
N ILE B 5 0.61 20.17 -1.46
CA ILE B 5 1.17 19.80 -2.76
C ILE B 5 0.48 18.52 -3.34
N PHE B 6 0.04 17.64 -2.46
CA PHE B 6 -0.79 16.52 -2.87
C PHE B 6 -2.15 16.97 -3.43
N ASP B 7 -2.78 17.95 -2.78
CA ASP B 7 -4.06 18.55 -3.29
C ASP B 7 -3.98 19.13 -4.70
N LEU B 8 -2.97 19.95 -4.95
CA LEU B 8 -2.79 20.59 -6.26
C LEU B 8 -2.47 19.53 -7.32
N PHE B 9 -1.63 18.57 -6.96
CA PHE B 9 -1.36 17.43 -7.82
C PHE B 9 -2.63 16.57 -8.00
N TYR B 10 -3.32 16.26 -6.92
CA TYR B 10 -4.46 15.38 -7.05
C TYR B 10 -5.45 15.94 -8.05
N LYS B 11 -5.72 17.24 -7.97
CA LYS B 11 -6.71 17.87 -8.87
C LYS B 11 -6.07 18.89 -9.85
N ARG B 12 -5.82 18.42 -11.08
CA ARG B 12 -5.12 19.18 -12.12
C ARG B 12 -5.72 18.91 -13.51
S SO4 C . 25.09 2.15 7.04
O1 SO4 C . 25.04 3.64 7.09
O2 SO4 C . 23.81 1.58 7.57
O3 SO4 C . 25.28 1.76 5.62
O4 SO4 C . 26.16 1.57 7.86
C16 198 D . 4.67 5.81 2.04
C17 198 D . 3.37 5.91 2.53
C18 198 D . 2.94 7.06 3.20
F18 198 D . 1.66 7.15 3.67
C19 198 D . 3.83 8.10 3.37
C20 198 D . 5.12 7.99 2.87
C15 198 D . 5.55 6.85 2.20
S14 198 D . 7.06 6.71 1.66
O14 198 D . 7.03 5.90 0.45
O15 198 D . 7.66 7.98 1.35
C13 198 D . 7.97 5.97 2.85
C11 198 D . 9.01 5.00 2.28
O11 198 D . 9.57 5.68 1.16
C12 198 D . 10.13 4.69 3.27
C10 198 D . 8.42 3.66 1.86
O10 198 D . 7.82 3.00 2.69
N9 198 D . 8.61 3.31 0.57
C1 198 D . 8.14 2.19 -0.06
C2 198 D . 7.51 1.11 0.59
C6 198 D . 8.26 2.16 -1.45
C5 198 D . 7.79 1.10 -2.20
C4 198 D . 7.17 0.03 -1.60
C8 198 D . 6.76 -0.95 -2.32
N8 198 D . 6.41 -1.86 -2.95
C3 198 D . 7.03 0.02 -0.12
C7 198 D . 6.33 -1.11 0.61
F7B 198 D . 6.57 -0.89 1.89
F7C 198 D . 5.04 -1.07 0.34
F7A 198 D . 6.74 -2.34 0.29
#